data_4IZS
#
_entry.id   4IZS
#
_cell.length_a   75.320
_cell.length_b   114.830
_cell.length_c   65.060
_cell.angle_alpha   90.000
_cell.angle_beta   90.000
_cell.angle_gamma   90.000
#
_symmetry.space_group_name_H-M   'C 2 2 21'
#
loop_
_entity.id
_entity.type
_entity.pdbx_description
1 polymer Amidase
2 non-polymer DI(HYDROXYETHYL)ETHER
3 non-polymer BUTYRAMIDE
4 water water
#
_entity_poly.entity_id   1
_entity_poly.type   'polypeptide(L)'
_entity_poly.pdbx_seq_one_letter_code
;MGSSHHHHHHSSGLVPRGSHMRIALMQHTARPLDPQHNLDLIDDAAARASEQGAQLLLTPELFGFGYVPSQICAQVSAEQ
VDAARSRLRGIARDRGIALVWSLPGPEGPEQRGITAELADEHGEVLASYQKVQLYGPEEKAAFVPGEQPPPVLSWGGRQL
SLLVAYDVEFPEMVRAAAARGAQLVLVPTALAGDETSVPGILLPARAVENGITLAYANHCGPEGGLVFDGGSVVVGPAGQ
PLGELGVEPGLLVVDLPDQSQDAGSDSADYLQDRRAELHRNWL
;
_entity_poly.pdbx_strand_id   A
#
loop_
_chem_comp.id
_chem_comp.type
_chem_comp.name
_chem_comp.formula
BMD non-polymer BUTYRAMIDE 'C4 H9 N O'
PEG non-polymer DI(HYDROXYETHYL)ETHER 'C4 H10 O3'
#
# COMPACT_ATOMS: atom_id res chain seq x y z
N GLY A 13 4.33 3.31 -22.60
CA GLY A 13 4.42 2.70 -24.04
C GLY A 13 4.03 1.18 -24.20
N LEU A 14 4.54 0.55 -25.28
CA LEU A 14 4.45 -0.89 -25.39
C LEU A 14 5.21 -1.57 -24.26
N VAL A 15 4.79 -2.74 -23.89
CA VAL A 15 5.46 -3.52 -22.85
C VAL A 15 6.90 -3.77 -23.35
N PRO A 16 7.92 -3.44 -22.55
CA PRO A 16 9.32 -3.52 -23.05
C PRO A 16 9.85 -4.92 -22.97
N ARG A 17 10.83 -5.15 -23.87
CA ARG A 17 11.63 -6.39 -23.95
C ARG A 17 12.01 -6.99 -22.58
N GLY A 18 12.76 -6.27 -21.75
CA GLY A 18 13.18 -7.03 -20.54
C GLY A 18 12.22 -7.10 -19.31
N SER A 19 10.90 -7.02 -19.53
CA SER A 19 9.98 -6.76 -18.40
C SER A 19 8.74 -7.59 -18.54
N HIS A 20 8.34 -8.21 -17.46
CA HIS A 20 7.14 -8.95 -17.51
C HIS A 20 6.25 -8.55 -16.37
N MET A 21 6.56 -7.42 -15.66
CA MET A 21 5.54 -6.92 -14.73
C MET A 21 5.40 -5.40 -14.83
N ARG A 22 4.13 -4.98 -15.08
CA ARG A 22 3.82 -3.56 -15.17
C ARG A 22 2.81 -3.28 -14.07
N ILE A 23 3.20 -2.34 -13.15
CA ILE A 23 2.28 -2.04 -12.01
C ILE A 23 1.83 -0.58 -12.12
N ALA A 24 0.73 -0.29 -11.42
CA ALA A 24 0.18 1.08 -11.40
C ALA A 24 -0.11 1.44 -9.96
N LEU A 25 0.04 2.74 -9.70
CA LEU A 25 -0.27 3.33 -8.39
C LEU A 25 -1.29 4.43 -8.55
N MET A 26 -2.33 4.37 -7.82
CA MET A 26 -3.38 5.42 -7.80
C MET A 26 -3.03 6.47 -6.72
N GLN A 27 -3.02 7.71 -7.15
CA GLN A 27 -2.88 8.84 -6.18
C GLN A 27 -4.09 9.70 -6.40
N HIS A 28 -4.87 9.91 -5.35
CA HIS A 28 -6.06 10.78 -5.49
C HIS A 28 -6.45 11.29 -4.13
N THR A 29 -7.56 12.03 -4.17
CA THR A 29 -8.15 12.65 -2.94
C THR A 29 -9.42 11.90 -2.62
N ALA A 30 -9.60 11.40 -1.43
CA ALA A 30 -10.82 10.76 -1.04
C ALA A 30 -11.77 11.74 -0.34
N ARG A 31 -13.06 11.42 -0.37
CA ARG A 31 -14.07 12.21 0.42
C ARG A 31 -14.35 11.42 1.66
N PRO A 32 -14.09 11.97 2.88
CA PRO A 32 -14.35 11.26 4.10
C PRO A 32 -15.79 10.69 4.21
N LEU A 33 -15.95 9.46 4.53
CA LEU A 33 -17.24 8.82 4.86
C LEU A 33 -18.09 8.74 3.62
N ASP A 34 -17.47 8.74 2.41
CA ASP A 34 -18.31 8.62 1.16
C ASP A 34 -17.72 7.43 0.32
N PRO A 35 -17.88 6.22 0.79
CA PRO A 35 -17.34 5.03 0.05
C PRO A 35 -17.86 4.95 -1.36
N GLN A 36 -19.06 5.37 -1.68
CA GLN A 36 -19.48 5.22 -3.10
C GLN A 36 -18.66 6.10 -3.97
N HIS A 37 -18.34 7.32 -3.55
CA HIS A 37 -17.46 8.18 -4.32
C HIS A 37 -16.05 7.61 -4.38
N ASN A 38 -15.53 7.18 -3.20
CA ASN A 38 -14.09 6.75 -3.25
C ASN A 38 -13.88 5.49 -3.98
N LEU A 39 -14.85 4.56 -3.87
CA LEU A 39 -14.73 3.33 -4.61
C LEU A 39 -15.00 3.55 -6.13
N ASP A 40 -15.79 4.52 -6.48
CA ASP A 40 -15.92 4.87 -7.92
C ASP A 40 -14.54 5.38 -8.42
N LEU A 41 -13.79 6.19 -7.63
CA LEU A 41 -12.47 6.60 -8.06
C LEU A 41 -11.54 5.38 -8.22
N ILE A 42 -11.57 4.44 -7.28
CA ILE A 42 -10.73 3.25 -7.43
C ILE A 42 -11.16 2.47 -8.71
N ASP A 43 -12.47 2.36 -8.97
CA ASP A 43 -12.88 1.61 -10.17
C ASP A 43 -12.36 2.36 -11.39
N ASP A 44 -12.44 3.64 -11.48
CA ASP A 44 -11.90 4.42 -12.60
CA ASP A 44 -11.90 4.38 -12.63
C ASP A 44 -10.40 4.13 -12.75
N ALA A 45 -9.67 4.17 -11.65
CA ALA A 45 -8.23 3.96 -11.79
C ALA A 45 -7.88 2.57 -12.21
N ALA A 46 -8.65 1.59 -11.73
CA ALA A 46 -8.45 0.16 -12.10
C ALA A 46 -8.69 0.00 -13.63
N ALA A 47 -9.72 0.62 -14.14
CA ALA A 47 -9.99 0.52 -15.61
C ALA A 47 -8.86 1.18 -16.35
N ARG A 48 -8.36 2.35 -15.94
CA ARG A 48 -7.36 3.04 -16.67
C ARG A 48 -6.02 2.29 -16.54
N ALA A 49 -5.72 1.75 -15.38
CA ALA A 49 -4.46 1.00 -15.24
C ALA A 49 -4.51 -0.23 -16.18
N SER A 50 -5.66 -0.93 -16.17
CA SER A 50 -5.76 -2.17 -17.01
C SER A 50 -5.65 -1.79 -18.53
N GLU A 51 -6.20 -0.69 -18.93
CA GLU A 51 -6.09 -0.22 -20.34
C GLU A 51 -4.66 0.02 -20.68
N GLN A 52 -3.81 0.49 -19.72
CA GLN A 52 -2.45 0.75 -20.00
C GLN A 52 -1.59 -0.47 -19.82
N GLY A 53 -2.20 -1.63 -19.65
CA GLY A 53 -1.47 -2.93 -19.62
C GLY A 53 -0.85 -3.21 -18.25
N ALA A 54 -1.25 -2.46 -17.21
CA ALA A 54 -0.81 -2.88 -15.88
C ALA A 54 -1.49 -4.09 -15.39
N GLN A 55 -0.80 -4.94 -14.60
CA GLN A 55 -1.32 -6.14 -14.08
C GLN A 55 -1.79 -6.05 -12.63
N LEU A 56 -1.41 -4.91 -11.96
CA LEU A 56 -1.78 -4.73 -10.55
C LEU A 56 -1.86 -3.21 -10.34
N LEU A 57 -2.86 -2.86 -9.52
CA LEU A 57 -3.06 -1.45 -9.11
C LEU A 57 -2.93 -1.39 -7.58
N LEU A 58 -2.04 -0.53 -7.09
CA LEU A 58 -1.92 -0.23 -5.65
C LEU A 58 -2.64 1.11 -5.33
N THR A 59 -3.47 1.05 -4.26
CA THR A 59 -4.23 2.25 -3.91
C THR A 59 -3.88 2.65 -2.48
N PRO A 60 -4.31 3.84 -2.05
CA PRO A 60 -3.75 4.40 -0.78
C PRO A 60 -4.43 3.92 0.47
N GLU A 61 -3.84 4.29 1.62
CA GLU A 61 -4.34 3.78 2.94
C GLU A 61 -5.73 4.31 3.31
N LEU A 62 -6.57 3.40 3.66
CA LEU A 62 -7.94 3.78 4.08
C LEU A 62 -8.64 4.54 3.03
N PHE A 63 -8.36 4.34 1.74
CA PHE A 63 -8.96 5.24 0.72
C PHE A 63 -10.50 5.13 0.66
N GLY A 64 -11.02 3.96 0.88
CA GLY A 64 -12.49 3.79 0.64
C GLY A 64 -13.31 4.65 1.57
N PHE A 65 -12.84 4.91 2.82
CA PHE A 65 -13.64 5.74 3.75
C PHE A 65 -12.98 7.07 3.95
N GLY A 66 -11.84 7.37 3.35
CA GLY A 66 -11.02 8.53 3.63
C GLY A 66 -10.13 8.23 4.86
N TYR A 67 -9.03 8.97 4.88
CA TYR A 67 -8.12 8.86 6.05
C TYR A 67 -8.70 9.74 7.17
N VAL A 68 -9.61 9.13 7.89
CA VAL A 68 -10.32 9.87 9.02
C VAL A 68 -10.45 8.85 10.17
N PRO A 69 -9.33 8.49 10.85
CA PRO A 69 -9.39 7.42 11.82
C PRO A 69 -10.50 7.60 12.88
N SER A 70 -10.57 8.77 13.53
CA SER A 70 -11.61 8.92 14.56
CA SER A 70 -11.62 8.90 14.57
C SER A 70 -13.02 8.72 14.06
N GLN A 71 -13.31 9.20 12.83
CA GLN A 71 -14.64 9.07 12.30
C GLN A 71 -14.96 7.71 11.80
N ILE A 72 -13.91 6.95 11.39
CA ILE A 72 -14.10 5.56 11.04
C ILE A 72 -14.50 4.78 12.34
N CYS A 73 -13.77 5.00 13.44
CA CYS A 73 -14.10 4.32 14.66
C CYS A 73 -15.55 4.73 15.16
N ALA A 74 -15.85 6.00 15.01
CA ALA A 74 -17.18 6.42 15.59
C ALA A 74 -18.31 6.05 14.68
N GLN A 75 -18.14 6.04 13.35
CA GLN A 75 -19.27 6.00 12.43
C GLN A 75 -19.33 4.91 11.45
N VAL A 76 -18.24 4.16 11.22
CA VAL A 76 -18.28 3.17 10.18
C VAL A 76 -18.44 1.77 10.73
N SER A 77 -19.57 1.11 10.45
CA SER A 77 -19.83 -0.19 10.97
C SER A 77 -19.05 -1.32 10.31
N ALA A 78 -18.98 -2.49 10.95
CA ALA A 78 -18.41 -3.65 10.26
C ALA A 78 -19.17 -4.00 9.00
N GLU A 79 -20.52 -3.89 8.99
CA GLU A 79 -21.26 -4.23 7.81
CA GLU A 79 -21.26 -4.24 7.82
C GLU A 79 -20.90 -3.26 6.68
N GLN A 80 -20.65 -1.96 6.94
CA GLN A 80 -20.31 -1.00 5.89
C GLN A 80 -18.87 -1.31 5.40
N VAL A 81 -17.97 -1.77 6.33
CA VAL A 81 -16.64 -2.16 5.81
C VAL A 81 -16.79 -3.33 4.89
N ASP A 82 -17.58 -4.38 5.28
CA ASP A 82 -17.68 -5.55 4.46
C ASP A 82 -18.31 -5.17 3.10
N ALA A 83 -19.24 -4.24 3.08
CA ALA A 83 -19.85 -3.82 1.77
C ALA A 83 -18.78 -3.20 0.88
N ALA A 84 -17.89 -2.36 1.43
CA ALA A 84 -16.81 -1.81 0.60
C ALA A 84 -15.86 -2.90 0.19
N ARG A 85 -15.50 -3.82 1.03
CA ARG A 85 -14.57 -4.88 0.66
C ARG A 85 -15.17 -5.72 -0.49
N SER A 86 -16.49 -6.01 -0.39
CA SER A 86 -17.12 -6.77 -1.50
CA SER A 86 -17.24 -6.72 -1.50
C SER A 86 -17.10 -5.97 -2.78
N ARG A 87 -17.30 -4.67 -2.77
CA ARG A 87 -17.20 -3.90 -3.94
C ARG A 87 -15.78 -3.89 -4.54
N LEU A 88 -14.74 -3.80 -3.67
CA LEU A 88 -13.39 -3.82 -4.15
C LEU A 88 -13.02 -5.17 -4.75
N ARG A 89 -13.43 -6.32 -4.14
CA ARG A 89 -13.17 -7.60 -4.82
C ARG A 89 -13.88 -7.61 -6.19
N GLY A 90 -15.05 -7.06 -6.28
CA GLY A 90 -15.81 -6.91 -7.60
C GLY A 90 -15.05 -6.06 -8.60
N ILE A 91 -14.35 -4.97 -8.15
CA ILE A 91 -13.61 -4.12 -9.11
C ILE A 91 -12.41 -4.90 -9.61
N ALA A 92 -11.68 -5.64 -8.78
CA ALA A 92 -10.49 -6.42 -9.21
C ALA A 92 -11.02 -7.38 -10.33
N ARG A 93 -12.14 -8.07 -10.02
CA ARG A 93 -12.64 -9.09 -11.06
C ARG A 93 -13.12 -8.34 -12.26
N ASP A 94 -13.95 -7.34 -12.13
CA ASP A 94 -14.60 -6.71 -13.30
C ASP A 94 -13.70 -5.85 -14.19
N ARG A 95 -12.59 -5.31 -13.59
CA ARG A 95 -11.63 -4.57 -14.39
C ARG A 95 -10.41 -5.45 -14.71
N GLY A 96 -10.41 -6.73 -14.24
CA GLY A 96 -9.40 -7.73 -14.60
C GLY A 96 -8.00 -7.30 -14.28
N ILE A 97 -7.84 -6.88 -13.00
CA ILE A 97 -6.52 -6.43 -12.57
C ILE A 97 -6.35 -6.77 -11.09
N ALA A 98 -5.15 -7.21 -10.68
CA ALA A 98 -4.91 -7.43 -9.24
C ALA A 98 -4.96 -6.03 -8.56
N LEU A 99 -5.42 -6.07 -7.32
CA LEU A 99 -5.70 -4.74 -6.65
C LEU A 99 -5.26 -4.88 -5.23
N VAL A 100 -4.51 -3.83 -4.79
CA VAL A 100 -4.16 -3.77 -3.38
C VAL A 100 -4.98 -2.60 -2.78
N TRP A 101 -5.76 -2.89 -1.78
CA TRP A 101 -6.57 -1.80 -1.14
C TRP A 101 -6.23 -1.86 0.35
N SER A 102 -6.81 -0.85 1.04
CA SER A 102 -6.60 -0.76 2.51
C SER A 102 -7.92 -0.24 3.13
N LEU A 103 -8.43 -1.03 4.02
CA LEU A 103 -9.70 -0.73 4.69
C LEU A 103 -9.49 -0.94 6.14
N PRO A 104 -10.42 -0.48 7.00
CA PRO A 104 -10.44 -1.04 8.38
C PRO A 104 -10.60 -2.55 8.32
N GLY A 105 -10.17 -3.26 9.30
CA GLY A 105 -10.26 -4.67 9.43
C GLY A 105 -11.75 -5.05 9.56
N PRO A 106 -11.94 -6.35 9.72
CA PRO A 106 -13.42 -6.88 9.52
C PRO A 106 -14.13 -6.98 10.84
N GLU A 107 -13.47 -6.84 11.98
CA GLU A 107 -14.08 -7.01 13.30
C GLU A 107 -14.89 -5.80 13.64
N GLY A 108 -15.48 -5.82 14.86
CA GLY A 108 -16.23 -4.62 15.25
C GLY A 108 -15.32 -3.38 15.38
N PRO A 109 -15.88 -2.19 15.47
CA PRO A 109 -15.13 -0.88 15.48
C PRO A 109 -14.21 -0.83 16.58
N GLU A 110 -14.44 -1.53 17.70
CA GLU A 110 -13.51 -1.50 18.81
C GLU A 110 -12.40 -2.55 18.79
N GLN A 111 -12.40 -3.47 17.82
CA GLN A 111 -11.48 -4.58 17.83
C GLN A 111 -10.72 -4.68 16.48
N ARG A 112 -10.89 -3.73 15.59
CA ARG A 112 -10.21 -3.93 14.24
C ARG A 112 -9.07 -2.96 14.07
N GLY A 113 -8.20 -3.36 13.13
CA GLY A 113 -7.07 -2.49 12.72
C GLY A 113 -7.19 -1.82 11.40
N ILE A 114 -6.11 -1.31 10.89
CA ILE A 114 -6.03 -0.85 9.47
C ILE A 114 -5.36 -1.91 8.69
N THR A 115 -5.96 -2.28 7.57
CA THR A 115 -5.44 -3.47 6.83
C THR A 115 -5.02 -3.11 5.47
N ALA A 116 -4.32 -4.05 4.81
CA ALA A 116 -4.08 -4.01 3.32
C ALA A 116 -4.39 -5.40 2.88
N GLU A 117 -4.99 -5.48 1.69
CA GLU A 117 -5.21 -6.85 1.10
C GLU A 117 -4.91 -6.76 -0.36
N LEU A 118 -4.46 -7.93 -0.86
CA LEU A 118 -4.21 -8.09 -2.32
CA LEU A 118 -4.20 -8.10 -2.31
C LEU A 118 -5.22 -9.06 -2.92
N ALA A 119 -5.96 -8.61 -3.89
CA ALA A 119 -6.89 -9.52 -4.65
C ALA A 119 -6.24 -9.65 -6.00
N ASP A 120 -6.44 -10.88 -6.57
CA ASP A 120 -5.99 -11.10 -7.95
C ASP A 120 -7.04 -10.65 -8.95
N GLU A 121 -6.67 -10.81 -10.24
CA GLU A 121 -7.59 -10.34 -11.30
C GLU A 121 -8.85 -11.16 -11.41
N HIS A 122 -8.92 -12.26 -10.64
CA HIS A 122 -10.19 -12.93 -10.50
C HIS A 122 -10.99 -12.47 -9.35
N GLY A 123 -10.48 -11.44 -8.57
CA GLY A 123 -11.21 -11.01 -7.44
C GLY A 123 -10.97 -11.89 -6.19
N GLU A 124 -10.06 -12.80 -6.19
CA GLU A 124 -9.98 -13.51 -4.93
CA GLU A 124 -9.97 -13.49 -4.90
C GLU A 124 -8.80 -12.96 -4.10
N VAL A 125 -9.06 -12.94 -2.81
CA VAL A 125 -8.01 -12.36 -1.85
C VAL A 125 -6.92 -13.29 -1.64
N LEU A 126 -5.70 -12.95 -2.04
CA LEU A 126 -4.56 -13.76 -1.89
C LEU A 126 -3.86 -13.56 -0.59
N ALA A 127 -3.86 -12.31 -0.08
CA ALA A 127 -3.10 -12.05 1.16
C ALA A 127 -3.72 -10.83 1.86
N SER A 128 -3.59 -10.84 3.19
CA SER A 128 -4.18 -9.79 4.01
C SER A 128 -3.14 -9.49 5.10
N TYR A 129 -3.14 -8.23 5.56
CA TYR A 129 -2.14 -7.79 6.54
C TYR A 129 -2.74 -6.66 7.39
N GLN A 130 -2.40 -6.65 8.65
CA GLN A 130 -2.92 -5.61 9.57
C GLN A 130 -1.70 -4.75 9.97
N LYS A 131 -1.83 -3.43 9.73
CA LYS A 131 -0.75 -2.46 10.10
C LYS A 131 -0.23 -2.62 11.48
N VAL A 132 1.05 -2.86 11.65
CA VAL A 132 1.68 -3.16 12.96
C VAL A 132 2.06 -1.84 13.69
N GLN A 133 2.50 -0.85 12.92
CA GLN A 133 2.99 0.45 13.45
C GLN A 133 1.93 1.54 13.17
N LEU A 134 1.09 1.75 14.19
CA LEU A 134 0.09 2.83 14.06
C LEU A 134 0.72 4.17 14.30
N TYR A 135 0.28 5.19 13.58
CA TYR A 135 0.88 6.53 13.65
C TYR A 135 -0.01 7.48 14.46
N GLY A 136 0.55 7.93 15.60
CA GLY A 136 -0.09 9.01 16.34
C GLY A 136 -1.31 8.56 17.18
N PRO A 137 -1.78 9.57 17.98
CA PRO A 137 -2.81 9.18 18.93
C PRO A 137 -4.20 8.97 18.36
N GLU A 138 -4.46 9.59 17.17
CA GLU A 138 -5.75 9.33 16.52
CA GLU A 138 -5.76 9.34 16.51
C GLU A 138 -5.85 7.90 16.02
N GLU A 139 -4.80 7.43 15.30
CA GLU A 139 -4.87 6.03 14.89
C GLU A 139 -4.90 5.06 16.10
N LYS A 140 -4.10 5.41 17.14
CA LYS A 140 -4.08 4.50 18.30
C LYS A 140 -5.35 4.54 19.12
N ALA A 141 -6.16 5.57 18.93
CA ALA A 141 -7.47 5.58 19.56
C ALA A 141 -8.53 4.89 18.75
N ALA A 142 -8.32 4.72 17.42
CA ALA A 142 -9.36 4.23 16.53
C ALA A 142 -9.14 2.76 16.11
N PHE A 143 -7.88 2.20 16.29
CA PHE A 143 -7.53 0.95 15.72
C PHE A 143 -6.63 0.16 16.61
N VAL A 144 -6.73 -1.14 16.47
CA VAL A 144 -5.84 -2.08 17.20
C VAL A 144 -4.61 -2.38 16.31
N PRO A 145 -3.43 -2.37 16.87
CA PRO A 145 -2.23 -2.64 16.04
C PRO A 145 -2.22 -4.13 15.66
N GLY A 146 -1.66 -4.43 14.50
CA GLY A 146 -1.44 -5.83 14.09
C GLY A 146 -0.27 -6.46 14.87
N GLU A 147 -0.30 -7.81 14.88
CA GLU A 147 0.70 -8.57 15.65
C GLU A 147 1.38 -9.58 14.82
N GLN A 148 1.16 -9.59 13.52
CA GLN A 148 1.79 -10.62 12.62
C GLN A 148 2.70 -9.98 11.62
N PRO A 149 3.74 -10.70 11.19
CA PRO A 149 4.66 -10.12 10.27
C PRO A 149 4.07 -9.97 8.87
N PRO A 150 4.69 -9.20 8.02
CA PRO A 150 4.14 -8.95 6.62
C PRO A 150 4.07 -10.29 5.85
N PRO A 151 3.08 -10.49 5.07
CA PRO A 151 3.02 -11.74 4.24
C PRO A 151 3.87 -11.58 3.05
N VAL A 152 4.33 -12.73 2.51
CA VAL A 152 5.08 -12.72 1.26
C VAL A 152 4.53 -13.78 0.36
N LEU A 153 4.27 -13.46 -0.90
CA LEU A 153 3.66 -14.48 -1.79
C LEU A 153 4.11 -14.29 -3.18
N SER A 154 4.11 -15.44 -3.96
CA SER A 154 4.47 -15.34 -5.40
C SER A 154 3.26 -14.81 -6.19
N TRP A 155 3.54 -13.81 -7.01
CA TRP A 155 2.49 -13.36 -8.00
C TRP A 155 3.22 -12.70 -9.08
N GLY A 156 2.82 -13.08 -10.30
CA GLY A 156 3.42 -12.42 -11.42
C GLY A 156 4.88 -12.62 -11.64
N GLY A 157 5.42 -13.68 -11.09
CA GLY A 157 6.85 -14.01 -11.26
C GLY A 157 7.77 -13.49 -10.18
N ARG A 158 7.21 -12.81 -9.16
CA ARG A 158 8.07 -12.28 -8.12
C ARG A 158 7.39 -12.55 -6.76
N GLN A 159 8.15 -12.30 -5.70
CA GLN A 159 7.59 -12.42 -4.33
C GLN A 159 7.20 -10.98 -3.90
N LEU A 160 5.91 -10.85 -3.69
CA LEU A 160 5.26 -9.54 -3.26
C LEU A 160 5.02 -9.62 -1.80
N SER A 161 4.98 -8.38 -1.15
CA SER A 161 4.63 -8.32 0.27
C SER A 161 3.85 -7.00 0.44
N LEU A 162 3.24 -6.90 1.63
CA LEU A 162 2.38 -5.73 1.96
C LEU A 162 2.89 -5.12 3.28
N LEU A 163 2.93 -3.77 3.28
CA LEU A 163 3.10 -3.04 4.55
C LEU A 163 2.17 -1.85 4.42
N VAL A 164 1.90 -1.11 5.53
CA VAL A 164 1.03 0.04 5.44
C VAL A 164 1.68 1.27 6.03
N ALA A 165 1.81 2.29 5.21
CA ALA A 165 2.11 3.70 5.64
C ALA A 165 3.26 3.72 6.63
N TYR A 166 3.03 4.17 7.86
CA TYR A 166 4.12 4.33 8.85
C TYR A 166 5.00 3.09 8.96
N ASP A 167 4.46 1.90 8.74
CA ASP A 167 5.29 0.68 8.88
C ASP A 167 6.61 0.83 8.10
N VAL A 168 6.56 1.37 6.89
CA VAL A 168 7.79 1.31 6.06
C VAL A 168 8.86 2.21 6.59
N GLU A 169 8.53 3.15 7.48
CA GLU A 169 9.58 4.05 8.06
C GLU A 169 10.38 3.30 9.09
N PHE A 170 10.02 2.10 9.50
CA PHE A 170 10.81 1.26 10.45
C PHE A 170 11.61 0.30 9.61
N PRO A 171 12.93 0.33 9.70
CA PRO A 171 13.69 -0.63 8.89
C PRO A 171 13.33 -2.02 9.32
N GLU A 172 12.95 -2.28 10.58
CA GLU A 172 12.63 -3.62 10.96
C GLU A 172 11.49 -4.22 10.16
N MET A 173 10.49 -3.37 9.83
CA MET A 173 9.31 -3.93 9.12
C MET A 173 9.68 -4.29 7.71
N VAL A 174 10.44 -3.53 7.00
CA VAL A 174 10.86 -3.91 5.67
C VAL A 174 11.82 -5.03 5.71
N ARG A 175 12.73 -5.12 6.70
CA ARG A 175 13.60 -6.28 6.85
C ARG A 175 12.77 -7.51 7.14
N ALA A 176 11.69 -7.42 7.91
CA ALA A 176 10.89 -8.63 8.17
C ALA A 176 10.30 -9.12 6.82
N ALA A 177 9.88 -8.25 5.95
CA ALA A 177 9.33 -8.76 4.66
C ALA A 177 10.47 -9.33 3.82
N ALA A 178 11.61 -8.67 3.70
CA ALA A 178 12.69 -9.17 2.84
C ALA A 178 13.25 -10.44 3.46
N ALA A 179 13.26 -10.65 4.74
CA ALA A 179 13.76 -11.92 5.34
C ALA A 179 12.92 -13.08 4.95
N ARG A 180 11.63 -12.86 4.65
CA ARG A 180 10.69 -13.98 4.27
CA ARG A 180 10.61 -13.88 4.23
C ARG A 180 10.70 -14.03 2.69
N GLY A 181 11.59 -13.34 2.01
CA GLY A 181 11.74 -13.48 0.54
C GLY A 181 11.14 -12.39 -0.27
N ALA A 182 10.58 -11.31 0.31
CA ALA A 182 10.02 -10.28 -0.51
C ALA A 182 10.93 -9.63 -1.50
N GLN A 183 10.48 -9.37 -2.72
CA GLN A 183 11.21 -8.63 -3.70
C GLN A 183 10.53 -7.34 -4.04
N LEU A 184 9.19 -7.28 -3.92
CA LEU A 184 8.42 -6.08 -4.26
C LEU A 184 7.47 -5.83 -3.13
N VAL A 185 7.68 -4.69 -2.39
CA VAL A 185 6.81 -4.39 -1.21
C VAL A 185 5.91 -3.25 -1.64
N LEU A 186 4.60 -3.56 -1.45
CA LEU A 186 3.54 -2.64 -1.85
C LEU A 186 2.90 -1.96 -0.62
N VAL A 187 2.88 -0.64 -0.69
CA VAL A 187 2.60 0.14 0.57
C VAL A 187 1.57 1.22 0.25
N PRO A 188 0.28 0.93 0.58
CA PRO A 188 -0.72 2.04 0.69
C PRO A 188 -0.25 3.03 1.80
N THR A 189 -0.38 4.32 1.51
CA THR A 189 0.01 5.27 2.60
C THR A 189 -0.99 6.43 2.60
N ALA A 190 -0.76 7.31 3.58
CA ALA A 190 -1.52 8.53 3.79
C ALA A 190 -0.60 9.50 4.52
N LEU A 191 0.14 10.24 3.78
CA LEU A 191 1.26 11.07 4.30
C LEU A 191 0.93 12.51 3.88
N ALA A 192 0.81 13.35 4.99
CA ALA A 192 0.55 14.75 4.85
C ALA A 192 1.58 15.55 5.66
N GLY A 193 1.66 16.81 5.39
CA GLY A 193 2.54 17.66 6.25
C GLY A 193 3.82 17.99 5.57
N ASP A 194 3.92 17.78 4.30
CA ASP A 194 5.13 18.06 3.53
C ASP A 194 6.30 17.30 4.12
N GLU A 195 6.11 16.01 4.38
CA GLU A 195 7.04 15.11 4.96
C GLU A 195 7.98 14.49 3.97
N THR A 196 8.86 15.36 3.43
CA THR A 196 9.70 15.02 2.27
C THR A 196 10.70 13.89 2.62
N SER A 197 11.07 13.75 3.92
CA SER A 197 12.07 12.83 4.33
C SER A 197 11.57 11.40 4.07
N VAL A 198 10.26 11.10 4.08
CA VAL A 198 9.85 9.71 3.92
C VAL A 198 10.12 9.22 2.50
N PRO A 199 9.57 9.80 1.43
CA PRO A 199 9.96 9.33 0.12
C PRO A 199 11.35 9.74 -0.31
N GLY A 200 11.86 10.81 0.25
CA GLY A 200 13.15 11.35 -0.25
C GLY A 200 14.33 10.68 0.43
N ILE A 201 14.21 10.28 1.67
CA ILE A 201 15.36 9.74 2.47
C ILE A 201 15.08 8.30 2.88
N LEU A 202 13.91 8.01 3.50
CA LEU A 202 13.74 6.64 4.05
C LEU A 202 13.43 5.62 2.98
N LEU A 203 12.52 5.88 2.03
CA LEU A 203 12.19 4.83 1.06
C LEU A 203 13.45 4.38 0.28
N PRO A 204 14.25 5.30 -0.23
CA PRO A 204 15.46 4.83 -0.98
C PRO A 204 16.29 3.94 -0.11
N ALA A 205 16.47 4.23 1.18
CA ALA A 205 17.30 3.34 2.01
C ALA A 205 16.62 2.00 2.23
N ARG A 206 15.27 1.93 2.42
CA ARG A 206 14.64 0.65 2.63
C ARG A 206 14.84 -0.25 1.40
N ALA A 207 14.87 0.38 0.20
CA ALA A 207 15.17 -0.40 -1.05
C ALA A 207 16.58 -0.87 -1.11
N VAL A 208 17.53 0.06 -0.84
CA VAL A 208 18.97 -0.34 -0.94
C VAL A 208 19.35 -1.32 0.12
N GLU A 209 18.91 -1.11 1.33
CA GLU A 209 19.41 -1.90 2.44
C GLU A 209 18.89 -3.34 2.44
N ASN A 210 17.83 -3.62 1.64
CA ASN A 210 17.33 -4.99 1.45
C ASN A 210 17.49 -5.50 0.02
N GLY A 211 17.87 -4.63 -0.91
CA GLY A 211 17.87 -4.98 -2.36
C GLY A 211 16.52 -5.30 -2.90
N ILE A 212 15.52 -4.46 -2.60
CA ILE A 212 14.12 -4.70 -3.05
C ILE A 212 13.63 -3.47 -3.77
N THR A 213 12.42 -3.67 -4.36
CA THR A 213 11.69 -2.54 -4.95
C THR A 213 10.48 -2.25 -3.99
N LEU A 214 10.15 -0.97 -3.82
CA LEU A 214 9.00 -0.60 -2.99
C LEU A 214 8.14 0.34 -3.81
N ALA A 215 6.84 0.19 -3.67
CA ALA A 215 5.83 1.07 -4.29
C ALA A 215 4.99 1.72 -3.21
N TYR A 216 4.86 3.03 -3.28
CA TYR A 216 4.30 3.81 -2.17
C TYR A 216 3.21 4.71 -2.74
N ALA A 217 1.95 4.38 -2.45
CA ALA A 217 0.81 5.04 -3.10
C ALA A 217 0.09 5.88 -2.06
N ASN A 218 0.21 7.21 -2.30
CA ASN A 218 -0.37 8.23 -1.34
C ASN A 218 -1.64 8.83 -1.86
N HIS A 219 -2.37 9.37 -0.84
CA HIS A 219 -3.38 10.39 -1.14
C HIS A 219 -2.67 11.67 -1.63
N CYS A 220 -3.47 12.59 -2.16
CA CYS A 220 -3.01 13.95 -2.40
C CYS A 220 -4.18 14.90 -2.19
N GLY A 221 -3.82 16.15 -1.97
CA GLY A 221 -4.94 17.19 -1.96
C GLY A 221 -5.65 17.20 -0.56
N PRO A 222 -6.71 18.05 -0.52
CA PRO A 222 -7.40 18.33 0.73
C PRO A 222 -8.32 17.22 1.08
N GLU A 223 -8.11 16.57 2.26
CA GLU A 223 -8.95 15.45 2.76
C GLU A 223 -8.88 15.32 4.24
N GLY A 224 -10.06 15.41 4.86
CA GLY A 224 -10.06 15.09 6.29
C GLY A 224 -9.36 16.04 7.18
N GLY A 225 -9.27 17.29 6.79
CA GLY A 225 -8.53 18.28 7.65
C GLY A 225 -7.08 18.37 7.40
N LEU A 226 -6.56 17.60 6.43
CA LEU A 226 -5.15 17.54 6.08
C LEU A 226 -5.09 17.88 4.59
N VAL A 227 -3.90 18.27 4.17
CA VAL A 227 -3.62 18.33 2.71
C VAL A 227 -2.47 17.27 2.53
N PHE A 228 -2.80 16.23 1.74
CA PHE A 228 -1.79 15.14 1.58
C PHE A 228 -0.78 15.50 0.50
N ASP A 229 0.40 14.90 0.69
CA ASP A 229 1.60 15.35 -0.08
C ASP A 229 1.63 14.82 -1.52
N GLY A 230 0.80 13.81 -1.90
CA GLY A 230 1.10 13.12 -3.15
C GLY A 230 2.54 12.50 -3.02
N GLY A 231 3.27 12.71 -4.14
CA GLY A 231 4.62 12.12 -4.17
C GLY A 231 4.67 10.61 -4.22
N SER A 232 3.62 9.97 -4.70
CA SER A 232 3.69 8.51 -4.91
C SER A 232 4.88 8.11 -5.76
N VAL A 233 5.46 6.98 -5.43
CA VAL A 233 6.78 6.67 -6.09
C VAL A 233 6.96 5.19 -6.05
N VAL A 234 7.74 4.71 -7.08
CA VAL A 234 8.27 3.34 -7.04
C VAL A 234 9.80 3.47 -6.99
N VAL A 235 10.41 2.85 -6.01
CA VAL A 235 11.88 2.92 -5.82
CA VAL A 235 11.90 2.93 -5.88
C VAL A 235 12.46 1.55 -6.08
N GLY A 236 13.52 1.53 -6.93
CA GLY A 236 14.13 0.29 -7.24
C GLY A 236 15.27 -0.03 -6.26
N PRO A 237 15.96 -1.17 -6.45
CA PRO A 237 16.90 -1.65 -5.44
C PRO A 237 18.19 -0.83 -5.37
N ALA A 238 18.45 0.07 -6.32
CA ALA A 238 19.54 1.04 -6.15
C ALA A 238 19.13 2.30 -5.50
N GLY A 239 17.87 2.36 -5.04
CA GLY A 239 17.37 3.57 -4.39
C GLY A 239 16.85 4.67 -5.29
N GLN A 240 16.79 4.40 -6.61
CA GLN A 240 16.35 5.49 -7.49
CA GLN A 240 16.42 5.31 -7.70
C GLN A 240 14.92 5.27 -7.92
N PRO A 241 14.25 6.37 -8.15
CA PRO A 241 12.82 6.29 -8.51
C PRO A 241 12.68 5.74 -9.89
N LEU A 242 11.86 4.70 -10.05
CA LEU A 242 11.49 4.24 -11.36
C LEU A 242 10.40 5.05 -11.94
N GLY A 243 9.62 5.75 -11.10
CA GLY A 243 8.54 6.67 -11.55
C GLY A 243 8.10 7.40 -10.29
N GLU A 244 7.52 8.56 -10.48
CA GLU A 244 7.08 9.39 -9.34
CA GLU A 244 7.17 9.47 -9.36
C GLU A 244 6.05 10.37 -9.79
N LEU A 245 5.11 10.65 -8.90
CA LEU A 245 4.09 11.71 -9.15
C LEU A 245 4.41 12.91 -8.33
N GLY A 246 3.70 13.98 -8.73
CA GLY A 246 3.81 15.24 -7.95
C GLY A 246 2.63 15.34 -6.95
N VAL A 247 2.01 16.52 -6.85
CA VAL A 247 0.99 16.76 -5.80
C VAL A 247 -0.41 16.64 -6.21
N GLU A 248 -0.64 16.36 -7.49
CA GLU A 248 -2.02 16.32 -8.03
C GLU A 248 -2.47 14.85 -8.26
N PRO A 249 -3.75 14.58 -8.48
CA PRO A 249 -4.18 13.23 -8.73
C PRO A 249 -3.52 12.65 -9.93
N GLY A 250 -3.21 11.39 -9.90
CA GLY A 250 -2.59 10.76 -11.10
C GLY A 250 -2.48 9.31 -10.94
N LEU A 251 -2.11 8.71 -12.08
CA LEU A 251 -1.94 7.22 -12.10
C LEU A 251 -0.53 6.90 -12.61
N LEU A 252 0.32 6.41 -11.71
CA LEU A 252 1.72 6.14 -12.11
C LEU A 252 1.81 4.75 -12.59
N VAL A 253 2.37 4.55 -13.79
CA VAL A 253 2.49 3.21 -14.32
C VAL A 253 3.95 2.94 -14.65
N VAL A 254 4.47 1.83 -14.12
CA VAL A 254 5.91 1.56 -14.20
CA VAL A 254 5.91 1.57 -14.25
C VAL A 254 6.14 0.12 -14.59
N ASP A 255 7.12 -0.06 -15.53
CA ASP A 255 7.56 -1.44 -15.82
C ASP A 255 8.71 -1.82 -14.91
N LEU A 256 8.62 -2.98 -14.31
CA LEU A 256 9.72 -3.44 -13.43
C LEU A 256 10.63 -4.32 -14.36
N PRO A 257 11.93 -4.14 -14.29
CA PRO A 257 12.85 -5.04 -15.02
C PRO A 257 12.98 -6.47 -14.53
N ALA A 268 26.46 -5.15 -1.87
CA ALA A 268 26.61 -5.88 -0.60
C ALA A 268 25.43 -6.86 -0.39
N ASP A 269 25.68 -8.06 0.15
CA ASP A 269 24.61 -8.96 0.50
C ASP A 269 24.22 -8.75 1.94
N TYR A 270 23.43 -7.69 2.08
CA TYR A 270 23.00 -7.37 3.45
C TYR A 270 22.16 -8.41 4.09
N LEU A 271 21.22 -9.04 3.26
CA LEU A 271 20.34 -9.96 3.89
C LEU A 271 21.02 -11.27 4.45
N GLN A 272 22.11 -11.65 3.78
CA GLN A 272 22.89 -12.78 4.21
CA GLN A 272 22.88 -12.80 4.28
C GLN A 272 23.90 -12.40 5.32
N ASP A 273 24.45 -11.19 5.12
CA ASP A 273 25.53 -10.82 6.08
C ASP A 273 25.07 -10.41 7.45
N ARG A 274 23.83 -9.85 7.55
CA ARG A 274 23.35 -9.35 8.81
C ARG A 274 23.51 -10.45 9.89
N ARG A 275 23.96 -10.06 11.09
CA ARG A 275 24.08 -11.03 12.19
C ARG A 275 22.78 -10.99 12.97
N ALA A 276 21.77 -11.64 12.40
CA ALA A 276 20.40 -11.50 12.92
C ALA A 276 20.29 -12.07 14.30
N GLU A 277 21.06 -13.12 14.69
CA GLU A 277 20.90 -13.63 16.05
C GLU A 277 21.42 -12.73 17.11
N LEU A 278 22.38 -11.86 16.74
CA LEU A 278 22.83 -10.84 17.69
C LEU A 278 21.81 -9.67 17.62
N HIS A 279 21.43 -9.21 16.41
CA HIS A 279 20.53 -8.09 16.28
C HIS A 279 19.26 -8.29 17.08
N ARG A 280 18.73 -9.51 17.05
CA ARG A 280 17.43 -9.67 17.72
C ARG A 280 17.57 -9.52 19.19
N ASN A 281 18.72 -9.64 19.81
CA ASN A 281 18.94 -9.38 21.22
C ASN A 281 19.19 -7.95 21.53
N TRP A 282 19.44 -7.11 20.51
CA TRP A 282 19.91 -5.80 20.79
C TRP A 282 18.88 -4.71 20.49
N LEU A 283 17.72 -5.09 19.93
CA LEU A 283 16.65 -4.11 19.72
C LEU A 283 16.01 -3.79 21.00
C1 PEG B . -9.27 -9.27 6.93
O1 PEG B . -10.24 -9.19 5.89
C2 PEG B . -8.01 -8.35 7.14
O2 PEG B . -6.93 -9.31 7.64
C3 PEG B . -5.73 -9.16 8.45
C4 PEG B . -5.50 -10.52 9.14
O4 PEG B . -4.86 -11.61 8.42
C1 PEG C . -8.45 12.95 -12.14
O1 PEG C . -9.78 12.81 -12.78
C2 PEG C . -7.31 11.92 -12.53
O2 PEG C . -7.23 10.69 -11.70
C3 PEG C . -6.07 9.81 -11.82
C4 PEG C . -6.44 8.34 -11.37
O4 PEG C . -6.08 8.30 -10.00
C1 PEG D . -11.11 9.76 22.12
O1 PEG D . -11.68 9.80 20.76
C2 PEG D . -9.89 10.65 22.53
O2 PEG D . -8.50 10.31 22.09
C3 PEG D . -8.08 11.36 21.23
C4 PEG D . -6.63 11.31 20.83
O4 PEG D . -6.08 12.13 21.89
C3 BMD E . 2.72 7.91 6.85
C2 BMD E . 2.64 8.28 8.26
C1 BMD E . 1.15 8.38 8.66
CA BMD E . 0.41 7.09 8.40
OA BMD E . 0.84 6.07 8.84
NA BMD E . -0.78 7.12 7.70
#